data_6SBF
#
_entry.id   6SBF
#
_cell.length_a   47.810
_cell.length_b   77.410
_cell.length_c   91.410
_cell.angle_alpha   90.000
_cell.angle_beta   90.000
_cell.angle_gamma   90.000
#
_symmetry.space_group_name_H-M   'P 21 21 21'
#
loop_
_entity.id
_entity.type
_entity.pdbx_description
1 polymer MstE
2 non-polymer GLYCEROL
3 non-polymer BETA-MERCAPTOETHANOL
4 water water
#
_entity_poly.entity_id   1
_entity_poly.type   'polypeptide(L)'
_entity_poly.pdbx_seq_one_letter_code
;GSTLQPLENSTRQEKLLYPKLNQLSNSINAAVAFLLEARNLEGWWQDFNFPQAASIGDEWVTAYVGTMLATLPYAHVHEA
LMQAWELLKIRDHRPTGEWGYNYILCGDADTTGWALQLAAAVGASDSERAQQARAALATHLQPNGGIATFAEESIRAFIK
VPDLANVSFQGWCGAHTCVSAAVAALPEFRSRLHDYLRVTQTSQGNWEGYWWSDHEYTTALTAEALAAGGQAADQPSIEQ
AVAWGLKRLCPQGFVATSKHPNGSTFATAWCLRLLLLNTVDAEVKAARAAAIGWLLEQQRPNGSWVSSAYLRIPYPFDRN
PNQFPHWRYYDEIEGDKRFEGSIIFDHNSIFTTATVVNSLVKAAPML
;
_entity_poly.pdbx_strand_id   A
#
# COMPACT_ATOMS: atom_id res chain seq x y z
N LEU A 16 10.96 22.87 -19.02
CA LEU A 16 11.02 21.38 -18.76
C LEU A 16 12.39 20.86 -19.19
N LEU A 17 13.07 20.10 -18.31
CA LEU A 17 14.39 19.51 -18.59
C LEU A 17 14.11 18.12 -19.16
N TYR A 18 13.96 18.02 -20.51
CA TYR A 18 13.69 16.78 -21.28
C TYR A 18 14.60 15.64 -20.78
N PRO A 19 15.89 15.86 -20.44
CA PRO A 19 16.70 14.77 -19.87
C PRO A 19 16.06 14.14 -18.64
N LYS A 20 15.44 14.95 -17.77
CA LYS A 20 14.81 14.40 -16.57
C LYS A 20 13.56 13.60 -16.94
N LEU A 21 12.78 14.04 -17.94
CA LEU A 21 11.62 13.25 -18.38
C LEU A 21 12.06 11.93 -18.98
N ASN A 22 13.10 11.97 -19.82
CA ASN A 22 13.69 10.76 -20.44
CA ASN A 22 13.62 10.72 -20.43
C ASN A 22 14.23 9.81 -19.35
N GLN A 23 14.90 10.39 -18.33
CA GLN A 23 15.38 9.48 -17.25
C GLN A 23 14.20 8.89 -16.49
N LEU A 24 13.12 9.65 -16.27
CA LEU A 24 11.93 9.05 -15.67
C LEU A 24 11.47 7.87 -16.53
N SER A 25 11.40 8.05 -17.84
CA SER A 25 10.98 6.93 -18.74
C SER A 25 11.91 5.74 -18.51
N ASN A 26 13.20 5.98 -18.57
CA ASN A 26 14.21 4.88 -18.48
C ASN A 26 14.09 4.16 -17.13
N SER A 27 13.93 4.93 -16.07
CA SER A 27 13.80 4.42 -14.70
C SER A 27 12.56 3.59 -14.57
N ILE A 28 11.43 4.13 -15.04
CA ILE A 28 10.15 3.40 -14.99
C ILE A 28 10.29 2.07 -15.77
N ASN A 29 10.83 2.15 -16.99
CA ASN A 29 10.94 0.94 -17.80
C ASN A 29 11.82 -0.13 -17.19
N ALA A 30 12.90 0.30 -16.56
CA ALA A 30 13.80 -0.67 -15.89
C ALA A 30 13.07 -1.33 -14.72
N ALA A 31 12.25 -0.57 -14.01
CA ALA A 31 11.50 -1.12 -12.87
C ALA A 31 10.42 -2.07 -13.35
N VAL A 32 9.72 -1.67 -14.43
CA VAL A 32 8.69 -2.57 -14.95
C VAL A 32 9.35 -3.88 -15.41
N ALA A 33 10.50 -3.81 -16.08
CA ALA A 33 11.15 -5.07 -16.52
C ALA A 33 11.52 -5.92 -15.27
N PHE A 34 12.07 -5.28 -14.25
CA PHE A 34 12.41 -6.02 -13.00
C PHE A 34 11.17 -6.70 -12.44
N LEU A 35 10.04 -5.96 -12.39
CA LEU A 35 8.84 -6.52 -11.78
C LEU A 35 8.31 -7.66 -12.64
N LEU A 36 8.26 -7.52 -13.97
CA LEU A 36 7.69 -8.62 -14.78
C LEU A 36 8.57 -9.86 -14.67
N GLU A 37 9.89 -9.68 -14.67
CA GLU A 37 10.83 -10.83 -14.54
C GLU A 37 10.71 -11.51 -13.17
N ALA A 38 10.31 -10.76 -12.15
CA ALA A 38 10.32 -11.23 -10.74
C ALA A 38 9.15 -12.13 -10.43
N ARG A 39 8.17 -12.30 -11.32
CA ARG A 39 7.03 -13.23 -11.11
C ARG A 39 7.55 -14.68 -11.03
N ASN A 40 6.84 -15.50 -10.29
CA ASN A 40 7.21 -16.93 -10.14
C ASN A 40 6.66 -17.78 -11.30
N LEU A 41 6.78 -19.09 -11.21
CA LEU A 41 6.46 -20.04 -12.31
C LEU A 41 5.04 -19.80 -12.83
N GLU A 42 4.06 -19.75 -11.90
N GLU A 42 4.15 -19.63 -11.90
CA GLU A 42 2.62 -19.61 -12.24
CA GLU A 42 2.72 -19.60 -12.14
C GLU A 42 2.36 -18.15 -12.65
C GLU A 42 2.34 -18.18 -12.56
N GLY A 43 3.18 -17.20 -12.19
CA GLY A 43 3.00 -15.80 -12.56
C GLY A 43 2.73 -14.87 -11.38
N TRP A 44 2.70 -15.37 -10.16
CA TRP A 44 2.46 -14.49 -8.99
C TRP A 44 3.64 -13.55 -8.75
N TRP A 45 3.35 -12.36 -8.22
CA TRP A 45 4.31 -11.61 -7.43
C TRP A 45 4.25 -12.05 -5.95
N GLN A 46 5.42 -12.35 -5.43
CA GLN A 46 5.55 -12.82 -4.05
C GLN A 46 6.44 -11.86 -3.26
N ASP A 47 6.08 -11.65 -1.99
CA ASP A 47 6.96 -10.86 -1.10
C ASP A 47 6.51 -11.09 0.32
N PHE A 48 7.41 -10.70 1.24
CA PHE A 48 7.28 -10.88 2.70
C PHE A 48 7.41 -12.35 3.06
N ASN A 49 7.84 -12.59 4.30
CA ASN A 49 8.03 -13.99 4.74
C ASN A 49 7.86 -14.07 6.24
N PHE A 50 7.05 -15.04 6.65
CA PHE A 50 6.95 -15.45 8.07
C PHE A 50 7.56 -16.84 8.14
N PRO A 51 8.88 -16.97 8.26
CA PRO A 51 9.53 -18.27 8.19
C PRO A 51 9.02 -19.27 9.23
N GLN A 52 8.80 -20.48 8.75
CA GLN A 52 8.43 -21.68 9.55
C GLN A 52 7.06 -21.38 10.14
N ALA A 53 6.31 -20.47 9.52
CA ALA A 53 4.96 -20.11 10.00
C ALA A 53 4.11 -19.91 8.76
N ALA A 54 3.77 -18.67 8.51
CA ALA A 54 2.81 -18.32 7.44
C ALA A 54 3.45 -18.22 6.05
N SER A 55 4.76 -18.38 5.89
CA SER A 55 5.41 -18.40 4.58
C SER A 55 5.27 -17.05 3.87
N ILE A 56 5.21 -17.09 2.57
CA ILE A 56 5.48 -15.92 1.67
C ILE A 56 4.17 -15.34 1.13
N GLY A 57 4.02 -14.05 1.08
CA GLY A 57 2.78 -13.46 0.53
C GLY A 57 2.68 -13.65 -0.99
N ASP A 58 1.44 -13.86 -1.46
CA ASP A 58 1.24 -13.90 -2.93
C ASP A 58 -0.06 -13.20 -3.34
N GLU A 59 -1.22 -13.62 -2.85
CA GLU A 59 -2.49 -12.98 -3.29
C GLU A 59 -2.40 -11.49 -2.99
N TRP A 60 -2.04 -11.12 -1.74
CA TRP A 60 -1.98 -9.71 -1.35
C TRP A 60 -0.94 -8.96 -2.19
N VAL A 61 0.27 -9.48 -2.28
CA VAL A 61 1.38 -8.82 -2.97
C VAL A 61 0.99 -8.64 -4.44
N THR A 62 0.37 -9.63 -5.04
CA THR A 62 -0.03 -9.55 -6.48
C THR A 62 -1.14 -8.53 -6.68
N ALA A 63 -2.11 -8.51 -5.80
CA ALA A 63 -3.21 -7.51 -5.89
C ALA A 63 -2.60 -6.11 -5.80
N TYR A 64 -1.69 -5.90 -4.83
CA TYR A 64 -1.06 -4.59 -4.60
C TYR A 64 -0.23 -4.19 -5.82
N VAL A 65 0.67 -5.06 -6.23
CA VAL A 65 1.59 -4.74 -7.35
C VAL A 65 0.76 -4.50 -8.62
N GLY A 66 -0.22 -5.35 -8.86
CA GLY A 66 -1.06 -5.14 -10.06
C GLY A 66 -1.73 -3.80 -10.00
N THR A 67 -2.26 -3.39 -8.84
CA THR A 67 -2.90 -2.07 -8.72
C THR A 67 -1.85 -0.99 -8.98
N MET A 68 -0.66 -1.13 -8.41
CA MET A 68 0.41 -0.11 -8.62
C MET A 68 0.68 0.06 -10.10
N LEU A 69 0.72 -1.05 -10.83
CA LEU A 69 1.11 -1.01 -12.28
C LEU A 69 -0.06 -0.62 -13.18
N ALA A 70 -1.26 -0.50 -12.65
CA ALA A 70 -2.43 -0.16 -13.47
C ALA A 70 -2.33 1.25 -14.05
N THR A 71 -1.44 2.11 -13.55
N THR A 71 -1.41 2.06 -13.55
CA THR A 71 -1.21 3.48 -14.08
CA THR A 71 -1.17 3.44 -14.01
C THR A 71 -0.42 3.43 -15.40
C THR A 71 -0.36 3.44 -15.32
N LEU A 72 0.24 2.32 -15.70
CA LEU A 72 1.01 2.31 -16.94
C LEU A 72 0.14 2.07 -18.18
N PRO A 73 0.47 2.80 -19.28
N PRO A 73 0.46 2.71 -19.34
CA PRO A 73 -0.25 2.66 -20.54
CA PRO A 73 -0.37 2.55 -20.55
C PRO A 73 0.47 1.74 -21.51
C PRO A 73 -0.11 1.27 -21.35
N TYR A 74 0.95 0.60 -21.01
CA TYR A 74 1.58 -0.42 -21.85
C TYR A 74 0.73 -1.67 -21.96
N ALA A 75 0.55 -2.11 -23.22
CA ALA A 75 -0.26 -3.30 -23.46
C ALA A 75 0.29 -4.51 -22.72
N HIS A 76 1.60 -4.69 -22.69
CA HIS A 76 2.14 -5.90 -22.02
C HIS A 76 1.95 -5.86 -20.49
N VAL A 77 1.89 -4.64 -19.95
CA VAL A 77 1.57 -4.53 -18.50
C VAL A 77 0.11 -4.83 -18.28
N HIS A 78 -0.77 -4.33 -19.16
CA HIS A 78 -2.20 -4.68 -19.03
C HIS A 78 -2.39 -6.19 -19.11
N GLU A 79 -1.64 -6.85 -19.98
CA GLU A 79 -1.72 -8.35 -20.08
C GLU A 79 -1.29 -9.00 -18.78
N ALA A 80 -0.22 -8.45 -18.18
CA ALA A 80 0.24 -8.98 -16.86
C ALA A 80 -0.84 -8.81 -15.81
N LEU A 81 -1.54 -7.68 -15.82
CA LEU A 81 -2.64 -7.46 -14.88
C LEU A 81 -3.82 -8.39 -15.11
N MET A 82 -4.13 -8.65 -16.38
CA MET A 82 -5.20 -9.61 -16.72
CA MET A 82 -5.24 -9.60 -16.67
C MET A 82 -4.81 -11.00 -16.17
N GLN A 83 -3.54 -11.39 -16.33
CA GLN A 83 -3.06 -12.68 -15.83
C GLN A 83 -3.16 -12.72 -14.29
N ALA A 84 -2.77 -11.62 -13.64
CA ALA A 84 -2.84 -11.55 -12.17
C ALA A 84 -4.30 -11.74 -11.70
N TRP A 85 -5.25 -11.13 -12.42
CA TRP A 85 -6.65 -11.30 -12.02
C TRP A 85 -7.09 -12.75 -12.24
N GLU A 86 -6.65 -13.36 -13.33
CA GLU A 86 -6.97 -14.78 -13.54
C GLU A 86 -6.39 -15.65 -12.41
N LEU A 87 -5.18 -15.35 -11.95
CA LEU A 87 -4.60 -16.08 -10.79
C LEU A 87 -5.47 -15.89 -9.53
N LEU A 88 -5.89 -14.64 -9.29
CA LEU A 88 -6.74 -14.36 -8.14
C LEU A 88 -8.07 -15.12 -8.22
N LYS A 89 -8.67 -15.19 -9.42
CA LYS A 89 -9.95 -15.92 -9.56
C LYS A 89 -9.81 -17.41 -9.25
N ILE A 90 -8.64 -17.97 -9.52
CA ILE A 90 -8.42 -19.41 -9.21
C ILE A 90 -8.29 -19.62 -7.71
N ARG A 91 -7.96 -18.59 -6.91
CA ARG A 91 -7.93 -18.64 -5.42
C ARG A 91 -9.36 -18.44 -4.91
N ASP A 92 -10.18 -19.45 -5.09
CA ASP A 92 -11.62 -19.44 -4.80
C ASP A 92 -11.96 -20.43 -3.69
N HIS A 93 -11.00 -20.75 -2.86
CA HIS A 93 -11.14 -21.78 -1.81
C HIS A 93 -11.83 -21.29 -0.55
N ARG A 94 -11.97 -19.98 -0.35
CA ARG A 94 -12.55 -19.49 0.92
C ARG A 94 -14.03 -19.26 0.73
N PRO A 95 -14.86 -19.64 1.70
CA PRO A 95 -16.30 -19.57 1.53
C PRO A 95 -16.84 -18.14 1.44
N THR A 96 -16.08 -17.17 1.99
CA THR A 96 -16.50 -15.75 1.94
C THR A 96 -16.20 -15.11 0.58
N GLY A 97 -15.36 -15.69 -0.23
CA GLY A 97 -14.90 -15.07 -1.48
C GLY A 97 -13.78 -14.09 -1.28
N GLU A 98 -13.23 -14.03 -0.07
N GLU A 98 -13.27 -13.93 -0.07
CA GLU A 98 -12.14 -13.10 0.26
CA GLU A 98 -12.16 -12.99 0.16
C GLU A 98 -10.81 -13.64 -0.30
C GLU A 98 -10.87 -13.59 -0.40
N TRP A 99 -9.86 -12.74 -0.45
CA TRP A 99 -8.46 -13.08 -0.62
C TRP A 99 -7.71 -12.83 0.70
N GLY A 100 -6.51 -13.41 0.83
CA GLY A 100 -5.69 -13.23 2.02
C GLY A 100 -4.23 -13.12 1.67
N TYR A 101 -3.38 -13.14 2.68
CA TYR A 101 -1.94 -12.92 2.50
C TYR A 101 -1.41 -13.92 1.46
N ASN A 102 -1.81 -15.17 1.64
CA ASN A 102 -1.44 -16.26 0.71
C ASN A 102 -2.49 -17.37 0.91
N TYR A 103 -2.31 -18.52 0.22
CA TYR A 103 -3.34 -19.56 0.18
C TYR A 103 -3.75 -20.03 1.56
N ILE A 104 -2.76 -20.16 2.46
CA ILE A 104 -3.02 -20.86 3.75
C ILE A 104 -3.62 -19.89 4.77
N LEU A 105 -3.55 -18.59 4.52
CA LEU A 105 -4.18 -17.62 5.44
C LEU A 105 -5.67 -17.49 5.20
N CYS A 106 -6.39 -17.10 6.23
CA CYS A 106 -7.80 -16.72 6.11
C CYS A 106 -7.89 -15.44 5.28
N GLY A 107 -9.11 -15.16 4.84
CA GLY A 107 -9.35 -13.91 4.14
C GLY A 107 -9.12 -12.72 5.02
N ASP A 108 -8.82 -11.59 4.40
CA ASP A 108 -8.74 -10.31 5.15
C ASP A 108 -9.19 -9.17 4.24
N ALA A 109 -9.64 -8.12 4.87
CA ALA A 109 -10.23 -6.96 4.19
C ALA A 109 -9.19 -6.23 3.36
N ASP A 110 -7.96 -6.16 3.80
CA ASP A 110 -6.96 -5.34 3.07
C ASP A 110 -6.66 -6.01 1.74
N THR A 111 -6.29 -7.26 1.77
CA THR A 111 -5.99 -8.00 0.57
C THR A 111 -7.20 -7.91 -0.36
N THR A 112 -8.35 -8.12 0.18
CA THR A 112 -9.60 -8.12 -0.66
C THR A 112 -9.79 -6.77 -1.33
N GLY A 113 -9.58 -5.68 -0.61
CA GLY A 113 -9.68 -4.36 -1.22
C GLY A 113 -8.71 -4.14 -2.33
N TRP A 114 -7.45 -4.52 -2.17
CA TRP A 114 -6.47 -4.37 -3.26
C TRP A 114 -6.88 -5.23 -4.46
N ALA A 115 -7.34 -6.42 -4.23
CA ALA A 115 -7.77 -7.31 -5.34
C ALA A 115 -8.92 -6.66 -6.09
N LEU A 116 -9.82 -5.98 -5.39
CA LEU A 116 -10.92 -5.24 -6.03
C LEU A 116 -10.41 -4.03 -6.81
N GLN A 117 -9.38 -3.34 -6.37
CA GLN A 117 -8.78 -2.25 -7.15
C GLN A 117 -8.24 -2.85 -8.45
N LEU A 118 -7.57 -3.99 -8.35
CA LEU A 118 -7.02 -4.65 -9.55
C LEU A 118 -8.18 -5.06 -10.48
N ALA A 119 -9.23 -5.62 -9.93
CA ALA A 119 -10.41 -6.01 -10.72
C ALA A 119 -10.91 -4.81 -11.51
N ALA A 120 -10.98 -3.64 -10.92
CA ALA A 120 -11.46 -2.44 -11.64
C ALA A 120 -10.53 -2.17 -12.81
N ALA A 121 -9.23 -2.28 -12.66
CA ALA A 121 -8.28 -1.96 -13.76
C ALA A 121 -8.46 -2.90 -14.94
N VAL A 122 -8.94 -4.11 -14.71
CA VAL A 122 -9.10 -5.09 -15.80
C VAL A 122 -10.59 -5.27 -16.15
N GLY A 123 -11.48 -4.36 -15.75
CA GLY A 123 -12.85 -4.37 -16.22
C GLY A 123 -13.69 -5.46 -15.60
N ALA A 124 -13.26 -5.91 -14.41
CA ALA A 124 -13.92 -7.02 -13.70
C ALA A 124 -14.60 -6.58 -12.40
N SER A 125 -14.85 -5.30 -12.22
CA SER A 125 -15.53 -4.82 -10.98
CA SER A 125 -15.48 -4.88 -10.95
C SER A 125 -16.92 -5.40 -10.86
N ASP A 126 -17.55 -5.73 -11.99
CA ASP A 126 -18.95 -6.22 -12.04
C ASP A 126 -18.99 -7.76 -12.12
N SER A 127 -17.85 -8.41 -12.05
CA SER A 127 -17.78 -9.88 -12.09
C SER A 127 -18.48 -10.52 -10.88
N GLU A 128 -18.91 -11.77 -11.03
CA GLU A 128 -19.52 -12.53 -9.91
C GLU A 128 -18.52 -12.50 -8.74
N ARG A 129 -17.27 -12.85 -8.97
CA ARG A 129 -16.32 -12.95 -7.84
C ARG A 129 -16.14 -11.58 -7.16
N ALA A 130 -15.99 -10.53 -7.94
CA ALA A 130 -15.82 -9.18 -7.33
C ALA A 130 -17.05 -8.84 -6.51
N GLN A 131 -18.26 -9.17 -6.96
CA GLN A 131 -19.47 -8.87 -6.19
C GLN A 131 -19.41 -9.62 -4.85
N GLN A 132 -19.02 -10.89 -4.90
CA GLN A 132 -18.96 -11.72 -3.68
C GLN A 132 -17.89 -11.16 -2.70
N ALA A 133 -16.76 -10.76 -3.21
CA ALA A 133 -15.68 -10.23 -2.39
C ALA A 133 -16.11 -8.88 -1.79
N ARG A 134 -16.77 -8.03 -2.57
CA ARG A 134 -17.23 -6.74 -2.02
C ARG A 134 -18.23 -6.97 -0.90
N ALA A 135 -19.12 -7.92 -1.08
CA ALA A 135 -20.09 -8.27 -0.03
C ALA A 135 -19.35 -8.71 1.25
N ALA A 136 -18.31 -9.51 1.09
CA ALA A 136 -17.53 -9.99 2.22
C ALA A 136 -16.87 -8.80 2.90
N LEU A 137 -16.40 -7.82 2.17
CA LEU A 137 -15.80 -6.62 2.82
C LEU A 137 -16.79 -5.97 3.74
N ALA A 138 -18.06 -5.97 3.41
CA ALA A 138 -19.06 -5.30 4.23
C ALA A 138 -19.09 -5.93 5.62
N THR A 139 -18.77 -7.21 5.73
N THR A 139 -18.78 -7.22 5.76
CA THR A 139 -18.77 -7.93 7.02
CA THR A 139 -18.79 -7.89 7.10
C THR A 139 -17.74 -7.35 8.00
C THR A 139 -17.75 -7.28 8.04
N HIS A 140 -16.70 -6.71 7.50
CA HIS A 140 -15.59 -6.15 8.28
C HIS A 140 -15.84 -4.72 8.74
N LEU A 141 -16.95 -4.10 8.32
CA LEU A 141 -17.27 -2.76 8.79
C LEU A 141 -17.60 -2.80 10.28
N GLN A 142 -17.05 -1.83 11.03
CA GLN A 142 -17.19 -1.77 12.50
C GLN A 142 -18.20 -0.70 12.90
N PRO A 143 -18.78 -0.83 14.11
CA PRO A 143 -19.61 0.23 14.71
C PRO A 143 -19.03 1.64 14.72
N ASN A 144 -17.70 1.81 14.75
CA ASN A 144 -17.06 3.18 14.75
C ASN A 144 -16.83 3.74 13.35
N GLY A 145 -17.29 3.02 12.35
CA GLY A 145 -17.37 3.47 10.96
C GLY A 145 -16.21 3.12 10.05
N GLY A 146 -15.17 2.48 10.59
CA GLY A 146 -13.99 1.93 9.87
C GLY A 146 -14.11 0.44 9.52
N ILE A 147 -13.07 -0.06 8.89
CA ILE A 147 -13.04 -1.48 8.54
C ILE A 147 -11.91 -2.18 9.26
N ALA A 148 -12.22 -3.38 9.74
CA ALA A 148 -11.27 -4.26 10.43
C ALA A 148 -10.59 -5.20 9.41
N THR A 149 -9.33 -5.53 9.64
CA THR A 149 -8.58 -6.43 8.76
C THR A 149 -9.17 -7.84 8.83
N PHE A 150 -9.32 -8.38 10.03
CA PHE A 150 -9.68 -9.78 10.23
C PHE A 150 -10.95 -9.90 11.06
N ALA A 151 -11.70 -10.96 10.82
CA ALA A 151 -12.73 -11.49 11.71
C ALA A 151 -12.04 -12.40 12.72
N GLU A 152 -12.43 -12.24 13.98
CA GLU A 152 -11.72 -12.87 15.10
C GLU A 152 -11.62 -14.40 14.93
N GLU A 153 -12.72 -15.05 14.61
CA GLU A 153 -12.73 -16.53 14.64
C GLU A 153 -11.87 -17.01 13.47
N SER A 154 -11.83 -16.25 12.37
CA SER A 154 -11.02 -16.63 11.18
C SER A 154 -9.54 -16.67 11.54
N ILE A 155 -9.04 -15.62 12.13
CA ILE A 155 -7.59 -15.47 12.40
C ILE A 155 -7.22 -16.34 13.62
N ARG A 156 -8.09 -16.48 14.60
CA ARG A 156 -7.88 -17.48 15.66
C ARG A 156 -7.75 -18.91 15.09
N ALA A 157 -8.62 -19.30 14.13
CA ALA A 157 -8.65 -20.69 13.58
C ALA A 157 -7.31 -20.93 12.87
N PHE A 158 -6.78 -19.91 12.22
CA PHE A 158 -5.47 -20.01 11.52
C PHE A 158 -4.34 -20.16 12.55
N ILE A 159 -4.32 -19.34 13.62
CA ILE A 159 -3.27 -19.30 14.70
C ILE A 159 -3.39 -20.53 15.62
N VAL A 167 -5.96 -14.77 25.24
CA VAL A 167 -5.41 -13.43 24.88
C VAL A 167 -6.41 -12.69 23.91
N SER A 168 -6.56 -11.38 24.06
CA SER A 168 -7.48 -10.53 23.24
C SER A 168 -6.95 -10.55 21.80
N PHE A 169 -7.85 -10.67 20.84
CA PHE A 169 -7.55 -10.33 19.41
C PHE A 169 -8.16 -8.98 18.99
N GLN A 170 -8.54 -8.13 19.92
CA GLN A 170 -9.25 -6.86 19.60
C GLN A 170 -8.33 -5.89 18.89
N GLY A 171 -7.00 -6.04 18.97
CA GLY A 171 -6.07 -5.27 18.15
C GLY A 171 -6.18 -5.66 16.68
N TRP A 172 -5.99 -6.93 16.39
CA TRP A 172 -6.02 -7.40 15.00
C TRP A 172 -7.42 -7.32 14.39
N CYS A 173 -8.48 -7.26 15.18
CA CYS A 173 -9.88 -7.37 14.72
C CYS A 173 -10.65 -6.06 14.94
N GLY A 174 -9.95 -5.00 15.25
CA GLY A 174 -10.55 -3.66 15.32
C GLY A 174 -10.45 -2.94 14.00
N ALA A 175 -11.13 -1.80 13.94
CA ALA A 175 -11.00 -0.90 12.78
C ALA A 175 -9.55 -0.47 12.64
N HIS A 176 -9.05 -0.46 11.42
CA HIS A 176 -7.66 -0.11 11.08
C HIS A 176 -7.66 1.06 10.10
N THR A 177 -6.93 2.12 10.37
CA THR A 177 -7.00 3.29 9.50
C THR A 177 -6.32 3.04 8.16
N CYS A 178 -5.25 2.29 8.14
CA CYS A 178 -4.50 1.95 6.93
C CYS A 178 -5.43 1.14 5.97
N VAL A 179 -6.11 0.13 6.51
CA VAL A 179 -7.02 -0.72 5.71
C VAL A 179 -8.22 0.10 5.31
N SER A 180 -8.78 0.93 6.18
CA SER A 180 -9.93 1.78 5.85
C SER A 180 -9.56 2.74 4.71
N ALA A 181 -8.39 3.33 4.73
CA ALA A 181 -7.93 4.26 3.71
C ALA A 181 -7.88 3.53 2.36
N ALA A 182 -7.30 2.37 2.33
CA ALA A 182 -7.15 1.60 1.09
C ALA A 182 -8.54 1.16 0.58
N VAL A 183 -9.42 0.67 1.43
CA VAL A 183 -10.76 0.21 1.01
C VAL A 183 -11.54 1.42 0.50
N ALA A 184 -11.32 2.59 1.04
CA ALA A 184 -12.00 3.82 0.57
C ALA A 184 -11.55 4.21 -0.85
N ALA A 185 -10.53 3.60 -1.41
CA ALA A 185 -10.19 3.75 -2.86
C ALA A 185 -11.32 3.17 -3.73
N LEU A 186 -12.15 2.29 -3.18
CA LEU A 186 -13.27 1.66 -3.89
C LEU A 186 -14.44 2.61 -3.79
N PRO A 187 -15.04 3.04 -4.93
CA PRO A 187 -16.11 4.04 -4.86
C PRO A 187 -17.32 3.52 -4.09
N GLU A 188 -17.49 2.19 -4.03
CA GLU A 188 -18.64 1.57 -3.33
C GLU A 188 -18.54 1.80 -1.80
N PHE A 189 -17.33 1.97 -1.28
CA PHE A 189 -17.08 2.07 0.18
C PHE A 189 -16.69 3.50 0.60
N ARG A 190 -16.37 4.37 -0.33
CA ARG A 190 -15.74 5.65 -0.03
C ARG A 190 -16.66 6.45 0.89
N SER A 191 -17.93 6.62 0.55
CA SER A 191 -18.90 7.39 1.36
C SER A 191 -19.10 6.77 2.75
N ARG A 192 -19.19 5.45 2.85
CA ARG A 192 -19.45 4.77 4.13
C ARG A 192 -18.25 4.98 5.07
N LEU A 193 -17.02 5.03 4.57
CA LEU A 193 -15.80 5.19 5.42
C LEU A 193 -15.44 6.65 5.69
N HIS A 194 -16.09 7.61 5.02
CA HIS A 194 -15.70 9.02 5.05
C HIS A 194 -15.56 9.58 6.49
N ASP A 195 -16.59 9.44 7.30
CA ASP A 195 -16.61 10.10 8.61
C ASP A 195 -15.48 9.51 9.45
N TYR A 196 -15.28 8.21 9.43
CA TYR A 196 -14.19 7.55 10.19
C TYR A 196 -12.85 8.13 9.72
N LEU A 197 -12.65 8.26 8.43
CA LEU A 197 -11.39 8.84 7.93
C LEU A 197 -11.28 10.30 8.41
N ARG A 198 -12.33 11.07 8.38
CA ARG A 198 -12.18 12.47 8.85
C ARG A 198 -11.83 12.53 10.35
N VAL A 199 -12.47 11.75 11.19
CA VAL A 199 -12.28 11.91 12.66
C VAL A 199 -10.94 11.38 13.10
N THR A 200 -10.30 10.54 12.30
CA THR A 200 -8.99 9.93 12.67
C THR A 200 -7.79 10.76 12.26
N GLN A 201 -7.95 11.87 11.57
CA GLN A 201 -6.81 12.71 11.19
C GLN A 201 -6.22 13.26 12.49
N THR A 202 -4.91 13.31 12.57
CA THR A 202 -4.23 13.87 13.77
C THR A 202 -4.22 15.38 13.71
N SER A 203 -3.82 16.01 14.82
CA SER A 203 -3.76 17.47 14.86
C SER A 203 -2.64 17.99 13.93
N GLN A 204 -1.67 17.15 13.55
CA GLN A 204 -0.55 17.56 12.66
C GLN A 204 -0.94 17.41 11.16
N GLY A 205 -2.10 16.83 10.88
CA GLY A 205 -2.56 16.69 9.47
C GLY A 205 -2.37 15.33 8.86
N ASN A 206 -1.65 14.46 9.52
CA ASN A 206 -1.44 13.10 9.02
C ASN A 206 -2.45 12.12 9.60
N TRP A 207 -2.38 10.90 9.10
CA TRP A 207 -3.02 9.72 9.69
C TRP A 207 -1.91 8.76 10.09
N GLU A 208 -2.28 7.87 10.99
CA GLU A 208 -1.42 6.78 11.45
C GLU A 208 -2.10 5.46 11.12
N GLY A 209 -1.31 4.52 10.63
CA GLY A 209 -1.79 3.19 10.30
C GLY A 209 -1.61 2.18 11.42
N TYR A 210 -2.11 0.99 11.20
CA TYR A 210 -2.03 -0.11 12.14
C TYR A 210 -0.83 -1.00 11.78
N TRP A 211 -0.81 -1.53 10.56
CA TRP A 211 0.20 -2.54 10.18
C TRP A 211 1.51 -1.94 9.66
N TRP A 212 1.58 -0.66 9.42
CA TRP A 212 2.73 -0.03 8.78
C TRP A 212 3.41 0.93 9.71
N SER A 213 4.73 0.95 9.61
CA SER A 213 5.55 1.90 10.36
C SER A 213 5.40 3.31 9.77
N ASP A 214 5.29 3.37 8.43
CA ASP A 214 5.45 4.67 7.74
C ASP A 214 4.07 5.31 7.56
N HIS A 215 3.79 6.41 8.25
CA HIS A 215 2.48 7.08 8.23
C HIS A 215 2.18 7.67 6.84
N GLU A 216 3.18 7.84 5.99
CA GLU A 216 2.95 8.36 4.61
C GLU A 216 1.99 7.46 3.84
N TYR A 217 2.05 6.16 4.06
CA TYR A 217 1.15 5.21 3.39
C TYR A 217 -0.30 5.55 3.71
N THR A 218 -0.66 5.60 4.97
CA THR A 218 -2.05 5.83 5.38
C THR A 218 -2.44 7.25 5.01
N THR A 219 -1.54 8.20 5.20
CA THR A 219 -1.87 9.61 4.96
C THR A 219 -2.17 9.81 3.47
N ALA A 220 -1.32 9.31 2.59
CA ALA A 220 -1.53 9.48 1.13
C ALA A 220 -2.85 8.80 0.75
N LEU A 221 -3.07 7.56 1.17
CA LEU A 221 -4.29 6.84 0.75
C LEU A 221 -5.52 7.57 1.26
N THR A 222 -5.49 8.06 2.48
CA THR A 222 -6.68 8.74 3.06
C THR A 222 -6.95 10.04 2.29
N ALA A 223 -5.91 10.85 2.10
CA ALA A 223 -6.09 12.12 1.39
C ALA A 223 -6.59 11.85 -0.05
N GLU A 224 -6.07 10.79 -0.68
CA GLU A 224 -6.52 10.45 -2.05
C GLU A 224 -8.01 10.07 -2.02
N ALA A 225 -8.50 9.34 -1.02
CA ALA A 225 -9.94 8.95 -0.96
C ALA A 225 -10.77 10.19 -0.76
N LEU A 226 -10.34 11.08 0.11
CA LEU A 226 -11.08 12.35 0.31
C LEU A 226 -11.10 13.15 -0.98
N ALA A 227 -9.98 13.23 -1.68
CA ALA A 227 -9.91 13.98 -2.93
C ALA A 227 -10.86 13.35 -3.98
N ALA A 228 -10.91 12.03 -4.06
CA ALA A 228 -11.72 11.36 -5.09
C ALA A 228 -13.20 11.56 -4.78
N GLY A 229 -13.60 11.78 -3.52
CA GLY A 229 -15.02 11.97 -3.22
C GLY A 229 -15.51 13.36 -3.62
N GLY A 230 -14.61 14.32 -3.84
CA GLY A 230 -14.99 15.61 -4.46
C GLY A 230 -15.70 16.56 -3.51
N GLN A 231 -15.82 16.25 -2.21
CA GLN A 231 -16.60 17.14 -1.32
C GLN A 231 -15.72 18.31 -0.90
N ALA A 232 -16.18 19.53 -1.12
CA ALA A 232 -15.37 20.71 -0.70
C ALA A 232 -15.08 20.72 0.79
N ALA A 233 -15.98 20.16 1.58
CA ALA A 233 -15.79 20.12 3.06
C ALA A 233 -14.49 19.40 3.40
N ASP A 234 -14.00 18.53 2.55
CA ASP A 234 -12.80 17.71 2.81
C ASP A 234 -11.52 18.40 2.36
N GLN A 235 -11.59 19.49 1.61
CA GLN A 235 -10.39 20.10 1.01
C GLN A 235 -9.46 20.64 2.09
N PRO A 236 -9.93 21.30 3.17
CA PRO A 236 -8.99 21.75 4.20
C PRO A 236 -8.15 20.59 4.79
N SER A 237 -8.80 19.46 5.01
CA SER A 237 -8.12 18.27 5.55
C SER A 237 -7.07 17.79 4.59
N ILE A 238 -7.40 17.76 3.29
CA ILE A 238 -6.43 17.34 2.26
C ILE A 238 -5.22 18.28 2.29
N GLU A 239 -5.51 19.59 2.34
CA GLU A 239 -4.41 20.58 2.29
C GLU A 239 -3.53 20.43 3.54
N GLN A 240 -4.14 20.16 4.68
CA GLN A 240 -3.31 19.97 5.92
C GLN A 240 -2.40 18.74 5.75
N ALA A 241 -2.93 17.68 5.15
CA ALA A 241 -2.12 16.50 4.90
C ALA A 241 -0.97 16.80 3.95
N VAL A 242 -1.26 17.56 2.88
CA VAL A 242 -0.19 17.97 1.95
C VAL A 242 0.88 18.81 2.69
N ALA A 243 0.45 19.74 3.53
CA ALA A 243 1.41 20.54 4.31
C ALA A 243 2.27 19.63 5.21
N TRP A 244 1.65 18.63 5.81
CA TRP A 244 2.43 17.65 6.62
C TRP A 244 3.45 16.94 5.71
N GLY A 245 3.03 16.51 4.52
CA GLY A 245 3.95 15.84 3.58
C GLY A 245 5.12 16.73 3.21
N LEU A 246 4.84 18.02 2.99
CA LEU A 246 5.89 18.97 2.63
C LEU A 246 6.92 19.04 3.77
N LYS A 247 6.47 19.02 5.04
CA LYS A 247 7.37 19.00 6.23
C LYS A 247 8.19 17.71 6.30
N ARG A 248 7.56 16.60 5.95
CA ARG A 248 8.20 15.27 5.99
C ARG A 248 9.32 15.13 4.96
N LEU A 249 9.18 15.77 3.83
CA LEU A 249 10.21 15.68 2.79
C LEU A 249 11.32 16.68 3.11
N CYS A 250 12.52 16.21 3.29
N CYS A 250 12.53 16.14 3.20
CA CYS A 250 13.58 17.20 3.53
CA CYS A 250 13.78 16.88 3.45
C CYS A 250 14.02 17.76 2.18
C CYS A 250 14.13 17.65 2.16
N PRO A 251 14.84 18.81 2.25
CA PRO A 251 15.29 19.49 1.04
C PRO A 251 16.06 18.60 0.06
N GLN A 252 16.69 17.53 0.56
CA GLN A 252 17.49 16.61 -0.28
C GLN A 252 16.59 15.65 -1.07
N GLY A 253 15.29 15.62 -0.79
CA GLY A 253 14.31 14.93 -1.62
C GLY A 253 13.84 13.63 -1.04
N PHE A 254 14.00 13.42 0.26
CA PHE A 254 13.54 12.16 0.86
C PHE A 254 12.83 12.39 2.19
N VAL A 255 12.07 11.39 2.58
CA VAL A 255 11.50 11.24 3.92
C VAL A 255 12.49 10.44 4.73
N ALA A 256 13.00 11.09 5.79
CA ALA A 256 13.91 10.48 6.78
C ALA A 256 13.10 9.73 7.83
N THR A 257 13.56 8.56 8.19
CA THR A 257 12.97 7.72 9.25
C THR A 257 14.07 7.37 10.27
N SER A 258 13.65 6.88 11.42
CA SER A 258 14.61 6.34 12.42
C SER A 258 15.45 5.24 11.77
N LYS A 259 14.81 4.37 11.01
CA LYS A 259 15.55 3.22 10.43
C LYS A 259 16.41 3.66 9.25
N HIS A 260 15.91 4.62 8.48
CA HIS A 260 16.61 5.14 7.28
C HIS A 260 16.75 6.64 7.41
N PRO A 261 17.72 7.11 8.23
CA PRO A 261 17.82 8.53 8.48
C PRO A 261 18.27 9.33 7.24
N ASN A 262 18.76 8.64 6.20
CA ASN A 262 19.15 9.28 4.92
C ASN A 262 18.11 8.91 3.85
N GLY A 263 16.93 8.44 4.24
CA GLY A 263 15.77 8.35 3.34
C GLY A 263 15.26 6.93 3.13
N SER A 264 13.94 6.80 3.30
CA SER A 264 13.19 5.56 3.02
C SER A 264 12.58 5.64 1.60
N THR A 265 12.90 4.70 0.73
CA THR A 265 12.32 4.68 -0.60
C THR A 265 10.81 4.52 -0.53
N PHE A 266 10.30 3.67 0.32
CA PHE A 266 8.85 3.43 0.47
C PHE A 266 8.14 4.66 0.97
N ALA A 267 8.63 5.26 2.05
CA ALA A 267 7.94 6.40 2.66
C ALA A 267 8.03 7.56 1.67
N THR A 268 9.14 7.73 0.98
CA THR A 268 9.32 8.85 0.02
C THR A 268 8.33 8.69 -1.15
N ALA A 269 8.14 7.49 -1.65
CA ALA A 269 7.21 7.25 -2.77
C ALA A 269 5.79 7.57 -2.32
N TRP A 270 5.41 7.16 -1.12
CA TRP A 270 4.06 7.50 -0.66
C TRP A 270 3.94 9.01 -0.42
N CYS A 271 4.98 9.66 0.10
CA CYS A 271 4.91 11.11 0.28
C CYS A 271 4.76 11.80 -1.09
N LEU A 272 5.44 11.31 -2.09
CA LEU A 272 5.34 11.89 -3.47
C LEU A 272 3.89 11.77 -3.93
N ARG A 273 3.23 10.65 -3.71
CA ARG A 273 1.83 10.52 -4.11
C ARG A 273 0.97 11.56 -3.33
N LEU A 274 1.21 11.70 -2.05
CA LEU A 274 0.46 12.69 -1.24
C LEU A 274 0.63 14.10 -1.84
N LEU A 275 1.81 14.44 -2.23
CA LEU A 275 2.14 15.81 -2.73
C LEU A 275 1.50 16.08 -4.11
N LEU A 276 1.03 15.04 -4.81
CA LEU A 276 0.32 15.25 -6.09
C LEU A 276 -1.07 15.81 -5.84
N LEU A 277 -1.52 15.89 -4.59
CA LEU A 277 -2.91 16.37 -4.34
C LEU A 277 -3.00 17.89 -4.28
N ASN A 278 -1.90 18.57 -4.48
CA ASN A 278 -1.88 20.04 -4.63
C ASN A 278 -1.03 20.34 -5.86
N THR A 279 -1.66 20.93 -6.88
CA THR A 279 -0.97 21.16 -8.16
C THR A 279 -0.72 22.63 -8.40
N VAL A 280 -0.99 23.50 -7.42
CA VAL A 280 -0.81 24.95 -7.63
C VAL A 280 0.41 25.46 -6.85
N ASP A 281 0.66 24.95 -5.64
CA ASP A 281 1.67 25.53 -4.74
C ASP A 281 3.07 25.28 -5.31
N ALA A 282 3.87 26.32 -5.46
CA ALA A 282 5.24 26.23 -6.03
C ALA A 282 6.15 25.45 -5.10
N GLU A 283 5.98 25.57 -3.80
CA GLU A 283 6.86 24.85 -2.83
C GLU A 283 6.59 23.35 -2.93
N VAL A 284 5.33 22.98 -3.05
CA VAL A 284 4.94 21.56 -3.25
C VAL A 284 5.52 21.03 -4.56
N LYS A 285 5.40 21.79 -5.64
CA LYS A 285 5.96 21.39 -6.94
C LYS A 285 7.46 21.13 -6.78
N ALA A 286 8.18 22.04 -6.13
CA ALA A 286 9.64 21.91 -6.01
C ALA A 286 9.97 20.66 -5.14
N ALA A 287 9.17 20.38 -4.12
CA ALA A 287 9.38 19.21 -3.26
C ALA A 287 9.21 17.93 -4.08
N ARG A 288 8.17 17.89 -4.89
CA ARG A 288 8.02 16.73 -5.78
C ARG A 288 9.21 16.54 -6.71
N ALA A 289 9.71 17.60 -7.31
CA ALA A 289 10.86 17.53 -8.21
C ALA A 289 12.06 16.97 -7.45
N ALA A 290 12.25 17.39 -6.20
CA ALA A 290 13.38 16.89 -5.37
C ALA A 290 13.22 15.39 -5.07
N ALA A 291 12.02 14.97 -4.74
CA ALA A 291 11.71 13.57 -4.44
C ALA A 291 11.95 12.70 -5.68
N ILE A 292 11.49 13.20 -6.83
CA ILE A 292 11.74 12.47 -8.11
C ILE A 292 13.25 12.31 -8.28
N GLY A 293 14.01 13.39 -8.14
CA GLY A 293 15.45 13.30 -8.39
C GLY A 293 16.10 12.29 -7.44
N TRP A 294 15.73 12.31 -6.18
CA TRP A 294 16.35 11.40 -5.21
C TRP A 294 15.97 9.95 -5.54
N LEU A 295 14.69 9.73 -5.88
CA LEU A 295 14.30 8.34 -6.22
C LEU A 295 15.05 7.89 -7.49
N LEU A 296 15.21 8.76 -8.48
CA LEU A 296 15.98 8.37 -9.67
C LEU A 296 17.40 7.96 -9.28
N GLU A 297 18.03 8.73 -8.39
CA GLU A 297 19.43 8.44 -7.99
C GLU A 297 19.55 7.13 -7.19
N GLN A 298 18.51 6.77 -6.44
CA GLN A 298 18.51 5.59 -5.54
C GLN A 298 18.27 4.29 -6.29
N GLN A 299 17.78 4.35 -7.53
CA GLN A 299 17.42 3.08 -8.21
C GLN A 299 18.68 2.22 -8.35
N ARG A 300 18.51 0.91 -8.14
CA ARG A 300 19.59 -0.07 -8.33
C ARG A 300 19.74 -0.42 -9.81
N PRO A 301 20.90 -0.99 -10.20
CA PRO A 301 21.17 -1.30 -11.61
C PRO A 301 20.16 -2.26 -12.25
N ASN A 302 19.57 -3.14 -11.46
CA ASN A 302 18.58 -4.14 -11.93
C ASN A 302 17.17 -3.55 -12.06
N GLY A 303 17.00 -2.25 -11.76
CA GLY A 303 15.73 -1.54 -11.90
C GLY A 303 14.94 -1.47 -10.60
N SER A 304 15.32 -2.20 -9.56
CA SER A 304 14.61 -2.22 -8.27
C SER A 304 15.07 -1.04 -7.40
N TRP A 305 14.31 -0.81 -6.36
CA TRP A 305 14.76 0.06 -5.26
C TRP A 305 14.96 -0.84 -4.03
N VAL A 306 15.84 -0.41 -3.11
CA VAL A 306 16.11 -1.01 -1.78
C VAL A 306 14.79 -1.25 -1.05
N SER A 307 14.57 -2.45 -0.54
CA SER A 307 13.42 -2.79 0.31
C SER A 307 13.32 -1.85 1.49
N SER A 308 12.12 -1.32 1.68
CA SER A 308 11.83 -0.49 2.86
C SER A 308 10.37 -0.53 3.24
N ALA A 309 9.60 -1.51 2.75
CA ALA A 309 8.19 -1.65 3.09
C ALA A 309 8.06 -2.41 4.39
N TYR A 310 8.10 -1.63 5.49
CA TYR A 310 8.16 -2.19 6.86
C TYR A 310 6.79 -2.47 7.39
N LEU A 311 6.49 -3.74 7.55
CA LEU A 311 5.20 -4.30 8.00
C LEU A 311 5.41 -4.73 9.46
N ARG A 312 4.61 -4.21 10.35
CA ARG A 312 4.73 -4.56 11.74
C ARG A 312 3.67 -5.54 12.15
N ILE A 313 4.05 -6.39 13.11
CA ILE A 313 3.15 -7.39 13.66
C ILE A 313 2.90 -7.00 15.11
N PRO A 314 1.83 -6.21 15.41
CA PRO A 314 1.54 -5.91 16.80
C PRO A 314 1.08 -7.17 17.50
N TYR A 315 1.18 -7.17 18.82
CA TYR A 315 0.50 -8.22 19.60
C TYR A 315 -0.99 -8.18 19.24
N PRO A 316 -1.67 -9.34 19.25
CA PRO A 316 -3.07 -9.41 18.86
C PRO A 316 -4.00 -8.49 19.66
N PHE A 317 -3.62 -8.15 20.89
CA PHE A 317 -4.50 -7.42 21.81
C PHE A 317 -4.29 -5.93 21.61
N ASP A 318 -3.25 -5.56 20.87
CA ASP A 318 -2.75 -4.16 20.87
C ASP A 318 -3.57 -3.29 19.90
N ARG A 319 -4.48 -2.46 20.40
CA ARG A 319 -5.22 -1.49 19.54
C ARG A 319 -4.38 -0.29 19.13
N ASN A 320 -3.19 -0.10 19.72
CA ASN A 320 -2.47 1.17 19.60
C ASN A 320 -0.99 0.97 19.24
N PRO A 321 -0.65 0.32 18.09
CA PRO A 321 0.74 0.04 17.75
C PRO A 321 1.62 1.29 17.60
N ASN A 322 1.02 2.45 17.34
CA ASN A 322 1.85 3.68 17.24
C ASN A 322 2.30 4.14 18.65
N GLN A 323 1.77 3.49 19.69
CA GLN A 323 2.16 3.74 21.10
C GLN A 323 2.95 2.54 21.64
N PHE A 324 3.46 1.66 20.78
CA PHE A 324 4.31 0.51 21.19
C PHE A 324 5.75 0.85 20.89
N PRO A 325 6.57 1.06 21.95
CA PRO A 325 7.91 1.59 21.72
C PRO A 325 8.97 0.53 21.48
N HIS A 326 8.50 -0.74 21.46
CA HIS A 326 9.40 -1.91 21.57
C HIS A 326 9.76 -2.58 20.26
N TRP A 327 9.37 -2.04 19.15
CA TRP A 327 9.56 -2.68 17.83
C TRP A 327 11.01 -3.07 17.67
N ARG A 328 11.19 -4.27 17.14
CA ARG A 328 12.49 -4.75 16.67
C ARG A 328 12.31 -5.30 15.25
N TYR A 329 13.38 -5.30 14.49
CA TYR A 329 13.38 -5.84 13.12
C TYR A 329 13.62 -7.33 13.22
N TYR A 330 12.67 -8.16 12.80
CA TYR A 330 12.67 -9.63 12.99
C TYR A 330 14.00 -10.22 12.52
N ASP A 331 14.51 -9.76 11.39
CA ASP A 331 15.73 -10.36 10.80
C ASP A 331 16.97 -10.00 11.62
N GLU A 332 16.89 -9.06 12.53
CA GLU A 332 18.04 -8.59 13.34
C GLU A 332 18.06 -9.24 14.74
N ILE A 333 16.96 -9.89 15.14
CA ILE A 333 16.83 -10.46 16.52
C ILE A 333 17.77 -11.67 16.60
N GLU A 334 18.58 -11.71 17.67
CA GLU A 334 19.56 -12.80 17.86
C GLU A 334 18.91 -13.90 18.68
N GLY A 335 19.06 -15.14 18.24
CA GLY A 335 18.56 -16.33 18.95
C GLY A 335 17.04 -16.34 18.96
N ASP A 336 16.42 -16.45 20.13
CA ASP A 336 14.98 -16.78 20.30
C ASP A 336 14.14 -15.60 19.82
N LYS A 337 13.12 -15.85 19.00
CA LYS A 337 12.29 -14.72 18.53
C LYS A 337 10.85 -15.13 18.18
N ARG A 338 10.03 -14.12 18.09
CA ARG A 338 8.60 -14.29 17.75
C ARG A 338 8.26 -13.16 16.82
N PHE A 339 7.17 -13.30 16.13
CA PHE A 339 6.77 -12.21 15.23
C PHE A 339 6.11 -11.04 15.97
N GLU A 340 5.41 -11.32 17.07
CA GLU A 340 4.69 -10.25 17.79
C GLU A 340 5.73 -9.27 18.31
N GLY A 341 5.48 -7.99 18.04
CA GLY A 341 6.37 -6.90 18.41
C GLY A 341 7.54 -6.76 17.48
N SER A 342 7.49 -7.39 16.32
CA SER A 342 8.58 -7.27 15.33
CA SER A 342 8.57 -7.34 15.30
C SER A 342 8.08 -6.70 13.99
N ILE A 343 9.06 -6.31 13.21
CA ILE A 343 8.85 -5.72 11.90
C ILE A 343 9.53 -6.64 10.88
N ILE A 344 8.80 -6.92 9.82
CA ILE A 344 9.35 -7.59 8.62
C ILE A 344 9.36 -6.65 7.42
N PHE A 345 10.04 -7.08 6.38
CA PHE A 345 10.11 -6.26 5.16
C PHE A 345 9.96 -7.15 3.92
N ASP A 346 9.89 -6.46 2.81
CA ASP A 346 9.71 -7.09 1.49
C ASP A 346 11.05 -7.54 0.95
N HIS A 347 11.45 -8.77 1.32
CA HIS A 347 12.81 -9.27 1.02
C HIS A 347 13.10 -9.31 -0.49
N ASN A 348 12.08 -9.40 -1.36
CA ASN A 348 12.29 -9.44 -2.83
C ASN A 348 12.38 -8.04 -3.42
N SER A 349 12.05 -7.01 -2.66
CA SER A 349 12.02 -5.60 -3.12
C SER A 349 10.88 -5.37 -4.13
N ILE A 350 9.96 -6.33 -4.27
CA ILE A 350 8.89 -6.19 -5.29
C ILE A 350 7.86 -5.16 -4.78
N PHE A 351 7.50 -5.25 -3.50
CA PHE A 351 6.48 -4.35 -2.93
C PHE A 351 7.01 -2.92 -3.00
N THR A 352 8.25 -2.67 -2.57
CA THR A 352 8.84 -1.32 -2.63
C THR A 352 8.93 -0.84 -4.07
N THR A 353 9.49 -1.66 -4.94
CA THR A 353 9.71 -1.21 -6.32
C THR A 353 8.38 -0.84 -7.00
N ALA A 354 7.35 -1.65 -6.79
CA ALA A 354 6.05 -1.32 -7.39
C ALA A 354 5.54 0.03 -6.87
N THR A 355 5.72 0.26 -5.58
CA THR A 355 5.28 1.53 -4.99
C THR A 355 6.02 2.69 -5.64
N VAL A 356 7.32 2.61 -5.72
CA VAL A 356 8.14 3.68 -6.29
C VAL A 356 7.73 3.93 -7.74
N VAL A 357 7.65 2.88 -8.54
CA VAL A 357 7.39 3.12 -9.98
C VAL A 357 6.00 3.77 -10.12
N ASN A 358 5.01 3.37 -9.33
CA ASN A 358 3.70 4.01 -9.40
C ASN A 358 3.79 5.52 -9.12
N SER A 359 4.54 5.88 -8.06
CA SER A 359 4.63 7.30 -7.66
C SER A 359 5.29 8.08 -8.81
N LEU A 360 6.30 7.52 -9.47
CA LEU A 360 7.05 8.23 -10.52
C LEU A 360 6.14 8.41 -11.78
N VAL A 361 5.39 7.37 -12.11
CA VAL A 361 4.41 7.49 -13.21
C VAL A 361 3.40 8.60 -12.93
N LYS A 362 2.86 8.64 -11.72
CA LYS A 362 1.84 9.64 -11.39
C LYS A 362 2.47 11.03 -11.33
N ALA A 363 3.73 11.16 -10.88
CA ALA A 363 4.31 12.49 -10.68
C ALA A 363 4.84 13.10 -11.96
N ALA A 364 5.29 12.28 -12.91
CA ALA A 364 6.01 12.78 -14.08
C ALA A 364 5.27 13.89 -14.81
N PRO A 365 3.94 13.82 -15.01
CA PRO A 365 3.27 14.86 -15.80
C PRO A 365 3.20 16.22 -15.08
N MET A 366 3.46 16.21 -13.78
CA MET A 366 3.39 17.42 -12.93
C MET A 366 4.81 17.95 -12.69
N LEU A 367 5.83 17.37 -13.34
CA LEU A 367 7.13 18.06 -13.54
C LEU A 367 6.87 19.41 -14.24
#